data_6PGJ
#
_entry.id   6PGJ
#
_cell.length_a   117.608
_cell.length_b   64.827
_cell.length_c   74.131
_cell.angle_alpha   90.000
_cell.angle_beta   125.930
_cell.angle_gamma   90.000
#
_symmetry.space_group_name_H-M   'C 1 2 1'
#
loop_
_entity.id
_entity.type
_entity.pdbx_description
1 polymer 'Thiol:disulfide interchange protein DsbA'
2 non-polymer '(3S)-4-{[4-(4-cyano-3-methylphenoxy)phenyl]acetyl}morpholine-3-carboxylic acid'
3 non-polymer 'COPPER (II) ION'
4 non-polymer '(3R)-4-{[4-(4-cyano-3-methylphenoxy)phenyl]acetyl}morpholine-3-carboxylic acid'
5 water water
#
_entity_poly.entity_id   1
_entity_poly.type   'polypeptide(L)'
_entity_poly.pdbx_seq_one_letter_code
;AQYEDGKQYTTLEKPVAGAPQVLEFFSFFCPHCYQFEEVLHISDNVKKKLPEGVKMTKYHVNFMGGDLGKDLTQAWAVAM
ALGVEDKVTVPLFEGVQKTQTIRSASDIRDVFINAGIKGEEYDAAWNSFVVKSLVAQQEKAAADVQLRGVPAMFVNGKYQ
LNPQGMDTSNMDVFVQQYADTVKYLSEKK
;
_entity_poly.pdbx_strand_id   A,B
#
loop_
_chem_comp.id
_chem_comp.type
_chem_comp.name
_chem_comp.formula
CU non-polymer 'COPPER (II) ION' 'Cu 2'
OAJ non-polymer '(3R)-4-{[4-(4-cyano-3-methylphenoxy)phenyl]acetyl}morpholine-3-carboxylic acid' 'C21 H20 N2 O5'
OMJ non-polymer '(3S)-4-{[4-(4-cyano-3-methylphenoxy)phenyl]acetyl}morpholine-3-carboxylic acid' 'C21 H20 N2 O5'
#
# COMPACT_ATOMS: atom_id res chain seq x y z
N ALA A 1 -19.64 18.54 -19.97
CA ALA A 1 -19.65 19.17 -18.65
C ALA A 1 -18.36 18.80 -17.92
N GLN A 2 -17.95 19.64 -16.97
CA GLN A 2 -16.67 19.40 -16.30
C GLN A 2 -16.75 18.20 -15.37
N TYR A 3 -17.86 18.05 -14.65
CA TYR A 3 -18.13 16.86 -13.84
C TYR A 3 -19.16 16.03 -14.58
N GLU A 4 -18.85 14.75 -14.80
CA GLU A 4 -19.70 13.90 -15.62
C GLU A 4 -19.92 12.54 -14.97
N ASP A 5 -21.18 12.10 -14.99
CA ASP A 5 -21.47 10.73 -14.62
C ASP A 5 -20.67 9.78 -15.49
N GLY A 6 -19.96 8.86 -14.85
CA GLY A 6 -19.05 7.98 -15.53
C GLY A 6 -17.60 8.41 -15.47
N LYS A 7 -17.32 9.63 -14.99
CA LYS A 7 -15.98 10.17 -15.04
C LYS A 7 -15.46 10.33 -13.62
N GLN A 8 -15.74 11.44 -12.93
CA GLN A 8 -15.31 11.59 -11.55
C GLN A 8 -16.19 10.82 -10.58
N TYR A 9 -17.33 10.33 -11.02
CA TYR A 9 -18.28 9.69 -10.13
C TYR A 9 -19.21 8.83 -10.96
N THR A 10 -19.91 7.94 -10.30
CA THR A 10 -21.01 7.20 -10.91
C THR A 10 -22.25 7.38 -10.05
N THR A 11 -23.40 7.05 -10.61
CA THR A 11 -24.68 7.19 -9.92
C THR A 11 -25.26 5.81 -9.66
N LEU A 12 -25.56 5.51 -8.41
CA LEU A 12 -26.13 4.22 -8.06
C LEU A 12 -27.46 4.02 -8.78
N GLU A 13 -27.63 2.82 -9.34
CA GLU A 13 -28.91 2.45 -9.95
C GLU A 13 -30.03 2.49 -8.91
N LYS A 14 -29.81 1.84 -7.76
CA LYS A 14 -30.75 1.86 -6.65
C LYS A 14 -30.19 2.74 -5.54
N PRO A 15 -30.42 4.06 -5.56
CA PRO A 15 -29.91 4.91 -4.48
C PRO A 15 -30.54 4.53 -3.14
N VAL A 16 -29.77 4.71 -2.08
CA VAL A 16 -30.19 4.34 -0.74
C VAL A 16 -30.66 5.59 0.00
N ALA A 17 -31.79 5.47 0.68
CA ALA A 17 -32.40 6.60 1.37
C ALA A 17 -31.94 6.64 2.82
N GLY A 18 -31.87 7.86 3.37
CA GLY A 18 -31.46 8.03 4.75
C GLY A 18 -30.01 7.70 5.01
N ALA A 19 -29.16 7.76 4.00
CA ALA A 19 -27.74 7.45 4.13
C ALA A 19 -26.98 8.65 4.69
N PRO A 20 -25.85 8.41 5.35
CA PRO A 20 -25.02 9.53 5.80
C PRO A 20 -24.57 10.36 4.60
N GLN A 21 -24.41 11.66 4.84
CA GLN A 21 -24.11 12.60 3.76
C GLN A 21 -22.85 12.19 3.00
N VAL A 22 -21.77 11.91 3.72
CA VAL A 22 -20.52 11.46 3.13
C VAL A 22 -20.10 10.19 3.86
N LEU A 23 -20.04 9.08 3.14
CA LEU A 23 -19.82 7.77 3.73
C LEU A 23 -18.65 7.10 3.04
N GLU A 24 -17.57 6.86 3.78
CA GLU A 24 -16.42 6.13 3.28
C GLU A 24 -16.38 4.72 3.86
N PHE A 25 -15.92 3.78 3.03
CA PHE A 25 -15.67 2.40 3.44
C PHE A 25 -14.21 2.07 3.18
N PHE A 26 -13.58 1.35 4.12
CA PHE A 26 -12.18 0.99 3.97
C PHE A 26 -11.94 -0.37 4.62
N SER A 27 -10.76 -0.92 4.38
CA SER A 27 -10.30 -2.07 5.15
C SER A 27 -8.85 -1.83 5.55
N PHE A 28 -8.47 -2.29 6.75
CA PHE A 28 -7.07 -2.19 7.14
C PHE A 28 -6.18 -3.09 6.29
N PHE A 29 -6.76 -4.03 5.54
CA PHE A 29 -6.03 -4.89 4.61
C PHE A 29 -5.93 -4.30 3.20
N CYS A 30 -6.57 -3.18 2.96
CA CYS A 30 -6.74 -2.66 1.61
C CYS A 30 -5.56 -1.77 1.25
N PRO A 31 -4.75 -2.12 0.25
CA PRO A 31 -3.54 -1.32 -0.03
C PRO A 31 -3.83 0.12 -0.43
N HIS A 32 -4.84 0.36 -1.27
CA HIS A 32 -5.12 1.74 -1.61
C HIS A 32 -5.65 2.51 -0.40
N CYS A 33 -6.29 1.81 0.55
CA CYS A 33 -6.77 2.50 1.74
C CYS A 33 -5.60 2.97 2.59
N TYR A 34 -4.55 2.17 2.64
CA TYR A 34 -3.33 2.60 3.30
C TYR A 34 -2.84 3.92 2.72
N GLN A 35 -2.83 4.02 1.38
CA GLN A 35 -2.39 5.25 0.74
C GLN A 35 -3.33 6.40 1.08
N PHE A 36 -4.64 6.14 1.00
CA PHE A 36 -5.65 7.17 1.24
C PHE A 36 -5.53 7.75 2.63
N GLU A 37 -5.10 6.94 3.60
CA GLU A 37 -4.90 7.43 4.95
C GLU A 37 -3.53 8.07 5.11
N GLU A 38 -2.45 7.31 4.82
CA GLU A 38 -1.12 7.75 5.26
C GLU A 38 -0.46 8.75 4.32
N VAL A 39 -0.71 8.66 3.01
CA VAL A 39 0.01 9.49 2.05
C VAL A 39 -0.84 10.61 1.49
N LEU A 40 -2.13 10.38 1.34
CA LEU A 40 -3.06 11.33 0.71
C LEU A 40 -3.93 12.05 1.72
N HIS A 41 -4.21 11.44 2.86
CA HIS A 41 -5.12 12.01 3.86
C HIS A 41 -6.42 12.48 3.19
N ILE A 42 -7.06 11.53 2.49
CA ILE A 42 -8.28 11.85 1.73
C ILE A 42 -9.35 12.39 2.65
N SER A 43 -9.61 11.70 3.77
CA SER A 43 -10.71 12.07 4.65
C SER A 43 -10.53 13.48 5.19
N ASP A 44 -9.32 13.83 5.63
N ASP A 44 -9.32 13.82 5.65
CA ASP A 44 -9.09 15.17 6.14
CA ASP A 44 -9.07 15.17 6.14
C ASP A 44 -9.26 16.22 5.06
C ASP A 44 -9.29 16.20 5.05
N ASN A 45 -8.82 15.91 3.84
CA ASN A 45 -8.86 16.93 2.79
C ASN A 45 -10.27 17.11 2.26
N VAL A 46 -11.06 16.04 2.20
CA VAL A 46 -12.48 16.18 1.93
C VAL A 46 -13.15 17.04 2.99
N LYS A 47 -12.91 16.72 4.26
CA LYS A 47 -13.52 17.48 5.35
C LYS A 47 -13.20 18.97 5.23
N LYS A 48 -11.97 19.30 4.81
CA LYS A 48 -11.59 20.71 4.69
C LYS A 48 -12.36 21.45 3.61
N LYS A 49 -12.90 20.75 2.62
CA LYS A 49 -13.61 21.38 1.50
C LYS A 49 -15.12 21.38 1.69
N LEU A 50 -15.64 20.78 2.75
CA LEU A 50 -17.07 20.75 3.02
C LEU A 50 -17.43 21.77 4.09
N PRO A 51 -18.71 22.17 4.17
CA PRO A 51 -19.13 23.12 5.22
C PRO A 51 -18.84 22.60 6.61
N GLU A 52 -18.72 23.54 7.56
CA GLU A 52 -18.25 23.19 8.90
C GLU A 52 -19.17 22.21 9.60
N GLY A 53 -20.45 22.19 9.25
CA GLY A 53 -21.41 21.35 9.95
C GLY A 53 -21.47 19.90 9.51
N VAL A 54 -21.34 19.67 8.20
CA VAL A 54 -21.60 18.38 7.55
C VAL A 54 -20.93 17.22 8.28
N LYS A 55 -21.56 16.06 8.24
CA LYS A 55 -21.08 14.89 8.95
C LYS A 55 -20.42 13.94 7.98
N MET A 56 -19.26 13.42 8.36
CA MET A 56 -18.56 12.40 7.62
C MET A 56 -18.52 11.12 8.43
N THR A 57 -18.80 10.00 7.77
CA THR A 57 -18.86 8.71 8.41
C THR A 57 -17.87 7.79 7.72
N LYS A 58 -17.16 6.96 8.49
CA LYS A 58 -16.16 6.07 7.91
C LYS A 58 -16.33 4.69 8.54
N TYR A 59 -16.50 3.66 7.70
CA TYR A 59 -16.85 2.33 8.17
C TYR A 59 -15.86 1.30 7.63
N HIS A 60 -15.57 0.28 8.45
CA HIS A 60 -14.71 -0.83 8.06
C HIS A 60 -15.55 -1.93 7.41
N VAL A 61 -14.91 -2.79 6.61
CA VAL A 61 -15.64 -3.85 5.90
C VAL A 61 -15.04 -5.20 6.23
N ASN A 62 -15.85 -6.24 6.07
CA ASN A 62 -15.48 -7.60 6.43
C ASN A 62 -14.81 -8.38 5.29
N PHE A 63 -15.01 -7.99 4.03
CA PHE A 63 -14.73 -8.95 2.96
C PHE A 63 -13.24 -9.10 2.63
N MET A 64 -12.34 -8.41 3.31
CA MET A 64 -10.91 -8.69 3.15
C MET A 64 -10.35 -9.23 4.46
N GLY A 65 -9.51 -10.25 4.37
CA GLY A 65 -8.78 -10.70 5.54
C GLY A 65 -9.46 -11.71 6.42
N GLY A 66 -10.53 -12.33 5.93
CA GLY A 66 -11.16 -13.42 6.66
C GLY A 66 -11.45 -13.11 8.13
N ASP A 67 -11.02 -13.99 9.03
N ASP A 67 -11.05 -14.04 9.01
CA ASP A 67 -11.36 -13.84 10.45
CA ASP A 67 -11.26 -13.91 10.44
C ASP A 67 -10.83 -12.53 11.02
C ASP A 67 -10.84 -12.53 10.95
N LEU A 68 -9.57 -12.20 10.72
CA LEU A 68 -9.02 -10.93 11.21
C LEU A 68 -9.75 -9.75 10.61
N GLY A 69 -10.19 -9.85 9.37
CA GLY A 69 -10.98 -8.78 8.79
C GLY A 69 -12.21 -8.47 9.61
N LYS A 70 -12.93 -9.51 10.06
CA LYS A 70 -14.10 -9.27 10.91
C LYS A 70 -13.69 -8.78 12.29
N ASP A 71 -12.57 -9.26 12.83
CA ASP A 71 -12.10 -8.70 14.10
C ASP A 71 -11.85 -7.21 13.96
N LEU A 72 -11.29 -6.80 12.82
CA LEU A 72 -11.00 -5.39 12.61
C LEU A 72 -12.27 -4.56 12.51
N THR A 73 -13.35 -5.12 11.92
CA THR A 73 -14.60 -4.37 11.88
C THR A 73 -15.13 -4.18 13.29
N GLN A 74 -15.03 -5.21 14.13
CA GLN A 74 -15.42 -5.02 15.53
C GLN A 74 -14.50 -4.03 16.24
N ALA A 75 -13.18 -4.11 16.01
CA ALA A 75 -12.29 -3.15 16.66
C ALA A 75 -12.57 -1.73 16.19
N TRP A 76 -12.95 -1.57 14.92
CA TRP A 76 -13.26 -0.23 14.44
C TRP A 76 -14.52 0.31 15.11
N ALA A 77 -15.50 -0.56 15.35
CA ALA A 77 -16.66 -0.18 16.17
C ALA A 77 -16.23 0.26 17.56
N VAL A 78 -15.27 -0.46 18.18
CA VAL A 78 -14.73 -0.02 19.47
C VAL A 78 -14.12 1.37 19.36
N ALA A 79 -13.29 1.59 18.33
CA ALA A 79 -12.71 2.90 18.10
C ALA A 79 -13.78 3.98 17.98
N MET A 80 -14.82 3.75 17.18
CA MET A 80 -15.88 4.76 17.03
C MET A 80 -16.61 4.97 18.34
N ALA A 81 -16.89 3.88 19.06
CA ALA A 81 -17.57 3.99 20.35
C ALA A 81 -16.79 4.87 21.32
N LEU A 82 -15.48 4.60 21.48
CA LEU A 82 -14.63 5.36 22.41
C LEU A 82 -14.11 6.66 21.83
N GLY A 83 -14.37 6.93 20.55
CA GLY A 83 -13.89 8.15 19.91
C GLY A 83 -12.39 8.21 19.77
N VAL A 84 -11.74 7.09 19.48
CA VAL A 84 -10.28 7.09 19.41
C VAL A 84 -9.80 6.67 18.03
N GLU A 85 -10.60 6.96 17.00
CA GLU A 85 -10.21 6.64 15.63
C GLU A 85 -8.85 7.23 15.28
N ASP A 86 -8.64 8.52 15.58
CA ASP A 86 -7.41 9.19 15.21
C ASP A 86 -6.18 8.57 15.89
N LYS A 87 -6.36 7.91 17.02
CA LYS A 87 -5.24 7.34 17.76
C LYS A 87 -4.85 5.96 17.25
N VAL A 88 -5.77 5.22 16.64
CA VAL A 88 -5.51 3.82 16.30
C VAL A 88 -5.41 3.58 14.80
N THR A 89 -5.81 4.53 13.95
CA THR A 89 -5.88 4.23 12.52
C THR A 89 -4.50 3.92 11.95
N VAL A 90 -3.53 4.77 12.22
CA VAL A 90 -2.19 4.55 11.67
C VAL A 90 -1.56 3.25 12.19
N PRO A 91 -1.51 2.99 13.50
CA PRO A 91 -0.85 1.75 13.95
C PRO A 91 -1.58 0.49 13.51
N LEU A 92 -2.89 0.55 13.25
CA LEU A 92 -3.59 -0.61 12.71
C LEU A 92 -3.18 -0.84 11.25
N PHE A 93 -3.17 0.21 10.44
CA PHE A 93 -2.68 0.09 9.08
C PHE A 93 -1.26 -0.46 9.02
N GLU A 94 -0.37 0.11 9.84
CA GLU A 94 1.02 -0.33 9.79
C GLU A 94 1.17 -1.74 10.36
N GLY A 95 0.41 -2.08 11.40
CA GLY A 95 0.49 -3.43 11.94
C GLY A 95 0.01 -4.48 10.96
N VAL A 96 -1.02 -4.16 10.16
CA VAL A 96 -1.50 -5.13 9.18
C VAL A 96 -0.59 -5.14 7.96
N GLN A 97 -0.28 -3.97 7.39
CA GLN A 97 0.33 -3.94 6.06
C GLN A 97 1.82 -3.68 6.04
N LYS A 98 2.41 -3.13 7.11
CA LYS A 98 3.82 -2.77 7.05
C LYS A 98 4.68 -3.71 7.89
N THR A 99 4.38 -3.85 9.17
CA THR A 99 5.25 -4.61 10.08
C THR A 99 4.78 -6.04 10.31
N GLN A 100 3.59 -6.40 9.85
CA GLN A 100 3.08 -7.77 10.00
C GLN A 100 3.12 -8.19 11.47
N THR A 101 2.65 -7.31 12.33
CA THR A 101 2.62 -7.56 13.76
C THR A 101 1.20 -7.77 14.26
N ILE A 102 0.21 -7.67 13.38
CA ILE A 102 -1.18 -7.88 13.75
C ILE A 102 -1.61 -9.20 13.09
N ARG A 103 -1.70 -10.23 13.90
CA ARG A 103 -2.10 -11.55 13.44
C ARG A 103 -3.28 -12.10 14.24
N SER A 104 -3.75 -11.39 15.25
CA SER A 104 -4.78 -11.95 16.09
C SER A 104 -5.56 -10.82 16.70
N ALA A 105 -6.71 -11.18 17.27
CA ALA A 105 -7.51 -10.21 18.01
C ALA A 105 -6.70 -9.60 19.15
N SER A 106 -5.86 -10.41 19.83
CA SER A 106 -5.04 -9.85 20.90
C SER A 106 -4.07 -8.81 20.37
N ASP A 107 -3.51 -9.05 19.18
CA ASP A 107 -2.58 -8.08 18.59
C ASP A 107 -3.30 -6.77 18.27
N ILE A 108 -4.55 -6.86 17.82
CA ILE A 108 -5.31 -5.64 17.57
C ILE A 108 -5.49 -4.89 18.88
N ARG A 109 -5.85 -5.61 19.94
CA ARG A 109 -6.04 -5.00 21.25
C ARG A 109 -4.78 -4.29 21.72
N ASP A 110 -3.61 -4.90 21.49
CA ASP A 110 -2.34 -4.28 21.89
C ASP A 110 -2.21 -2.85 21.33
N VAL A 111 -2.67 -2.66 20.08
CA VAL A 111 -2.58 -1.34 19.47
C VAL A 111 -3.34 -0.31 20.30
N PHE A 112 -4.55 -0.65 20.76
CA PHE A 112 -5.32 0.26 21.60
C PHE A 112 -4.64 0.49 22.95
N ILE A 113 -4.11 -0.57 23.56
CA ILE A 113 -3.41 -0.40 24.84
C ILE A 113 -2.25 0.56 24.67
N ASN A 114 -1.45 0.35 23.64
CA ASN A 114 -0.31 1.21 23.43
C ASN A 114 -0.74 2.64 23.13
N ALA A 115 -1.90 2.80 22.49
CA ALA A 115 -2.46 4.13 22.25
C ALA A 115 -3.03 4.75 23.51
N GLY A 116 -3.10 4.01 24.62
CA GLY A 116 -3.54 4.56 25.88
C GLY A 116 -4.97 4.24 26.29
N ILE A 117 -5.68 3.41 25.54
CA ILE A 117 -6.99 2.93 25.98
C ILE A 117 -6.77 1.89 27.07
N LYS A 118 -7.42 2.08 28.22
CA LYS A 118 -7.23 1.16 29.34
C LYS A 118 -7.79 -0.22 29.01
N GLY A 119 -7.11 -1.25 29.52
CA GLY A 119 -7.47 -2.61 29.13
C GLY A 119 -8.92 -2.96 29.43
N GLU A 120 -9.37 -2.64 30.65
CA GLU A 120 -10.77 -2.90 30.98
C GLU A 120 -11.70 -2.10 30.08
N GLU A 121 -11.30 -0.87 29.73
CA GLU A 121 -12.10 -0.03 28.86
C GLU A 121 -12.28 -0.65 27.49
N TYR A 122 -11.21 -1.20 26.93
CA TYR A 122 -11.28 -1.82 25.62
C TYR A 122 -12.13 -3.09 25.66
N ASP A 123 -11.85 -3.97 26.61
CA ASP A 123 -12.56 -5.24 26.73
C ASP A 123 -14.04 -5.03 26.96
N ALA A 124 -14.40 -4.14 27.88
CA ALA A 124 -15.81 -3.82 28.12
C ALA A 124 -16.48 -3.36 26.83
N ALA A 125 -15.86 -2.42 26.12
CA ALA A 125 -16.42 -1.96 24.85
C ALA A 125 -16.54 -3.10 23.86
N TRP A 126 -15.43 -3.82 23.65
CA TRP A 126 -15.41 -4.96 22.73
C TRP A 126 -16.61 -5.87 22.91
N ASN A 127 -16.97 -6.17 24.16
CA ASN A 127 -18.07 -7.07 24.42
C ASN A 127 -19.43 -6.37 24.54
N SER A 128 -19.49 -5.07 24.32
CA SER A 128 -20.71 -4.32 24.64
C SER A 128 -21.71 -4.42 23.50
N PHE A 129 -23.00 -4.32 23.85
CA PHE A 129 -24.03 -4.32 22.83
C PHE A 129 -24.10 -3.00 22.07
N VAL A 130 -23.60 -1.91 22.65
CA VAL A 130 -23.41 -0.70 21.88
C VAL A 130 -22.48 -0.97 20.70
N VAL A 131 -21.37 -1.68 20.95
CA VAL A 131 -20.43 -2.00 19.87
C VAL A 131 -21.05 -3.02 18.91
N LYS A 132 -21.80 -4.00 19.42
CA LYS A 132 -22.53 -4.92 18.53
C LYS A 132 -23.41 -4.15 17.55
N SER A 133 -24.07 -3.10 18.03
CA SER A 133 -24.96 -2.35 17.16
C SER A 133 -24.17 -1.56 16.12
N LEU A 134 -22.99 -1.04 16.51
CA LEU A 134 -22.14 -0.34 15.55
C LEU A 134 -21.59 -1.28 14.49
N VAL A 135 -21.32 -2.54 14.85
CA VAL A 135 -20.93 -3.52 13.84
C VAL A 135 -22.07 -3.73 12.84
N ALA A 136 -23.28 -3.93 13.36
CA ALA A 136 -24.46 -4.07 12.50
C ALA A 136 -24.63 -2.87 11.57
N GLN A 137 -24.35 -1.66 12.05
CA GLN A 137 -24.53 -0.48 11.20
C GLN A 137 -23.52 -0.48 10.06
N GLN A 138 -22.28 -0.86 10.36
CA GLN A 138 -21.24 -0.94 9.35
C GLN A 138 -21.59 -1.95 8.28
N GLU A 139 -22.12 -3.12 8.68
CA GLU A 139 -22.52 -4.15 7.73
C GLU A 139 -23.74 -3.71 6.92
N LYS A 140 -24.77 -3.18 7.59
CA LYS A 140 -25.95 -2.71 6.86
C LYS A 140 -25.58 -1.68 5.81
N ALA A 141 -24.71 -0.74 6.16
CA ALA A 141 -24.38 0.34 5.23
C ALA A 141 -23.68 -0.19 3.99
N ALA A 142 -22.77 -1.17 4.17
CA ALA A 142 -22.14 -1.77 2.99
C ALA A 142 -23.13 -2.60 2.18
N ALA A 143 -24.03 -3.31 2.88
CA ALA A 143 -25.05 -4.10 2.21
C ALA A 143 -25.95 -3.21 1.36
N ASP A 144 -26.31 -2.04 1.88
CA ASP A 144 -27.21 -1.13 1.17
C ASP A 144 -26.68 -0.77 -0.21
N VAL A 145 -25.36 -0.79 -0.42
CA VAL A 145 -24.80 -0.39 -1.71
C VAL A 145 -24.08 -1.55 -2.40
N GLN A 146 -24.31 -2.79 -1.96
CA GLN A 146 -23.68 -3.99 -2.52
C GLN A 146 -22.20 -3.76 -2.78
N LEU A 147 -21.48 -3.54 -1.68
CA LEU A 147 -20.12 -3.05 -1.75
C LEU A 147 -19.15 -4.21 -1.95
N ARG A 148 -18.47 -4.22 -3.09
CA ARG A 148 -17.53 -5.28 -3.42
C ARG A 148 -16.10 -4.79 -3.50
N GLY A 149 -15.84 -3.50 -3.25
CA GLY A 149 -14.48 -2.99 -3.30
C GLY A 149 -14.29 -1.78 -2.42
N VAL A 150 -13.07 -1.65 -1.90
CA VAL A 150 -12.66 -0.47 -1.14
C VAL A 150 -11.31 -0.01 -1.70
N PRO A 151 -10.94 1.27 -1.49
CA PRO A 151 -11.72 2.30 -0.79
C PRO A 151 -12.95 2.67 -1.59
N ALA A 152 -14.02 3.10 -0.93
CA ALA A 152 -15.20 3.60 -1.63
C ALA A 152 -15.73 4.79 -0.85
N MET A 153 -16.25 5.79 -1.56
CA MET A 153 -16.93 6.89 -0.91
C MET A 153 -18.25 7.15 -1.62
N PHE A 154 -19.32 7.34 -0.83
CA PHE A 154 -20.65 7.61 -1.36
C PHE A 154 -21.15 8.95 -0.81
N VAL A 155 -21.85 9.71 -1.64
CA VAL A 155 -22.33 11.03 -1.24
C VAL A 155 -23.86 11.02 -1.28
N ASN A 156 -24.47 11.25 -0.11
CA ASN A 156 -25.91 11.33 0.04
C ASN A 156 -26.60 10.06 -0.44
N GLY A 157 -25.93 8.91 -0.30
CA GLY A 157 -26.53 7.67 -0.73
C GLY A 157 -26.83 7.58 -2.22
N LYS A 158 -26.32 8.50 -3.02
CA LYS A 158 -26.68 8.61 -4.42
C LYS A 158 -25.51 8.49 -5.40
N TYR A 159 -24.32 8.93 -5.02
CA TYR A 159 -23.20 9.06 -5.93
C TYR A 159 -21.98 8.38 -5.35
N GLN A 160 -21.23 7.70 -6.21
CA GLN A 160 -20.04 6.98 -5.78
C GLN A 160 -18.84 7.61 -6.48
N LEU A 161 -17.85 8.00 -5.68
CA LEU A 161 -16.66 8.60 -6.23
C LEU A 161 -15.97 7.60 -7.15
N ASN A 162 -15.39 8.09 -8.24
CA ASN A 162 -14.66 7.25 -9.18
C ASN A 162 -13.23 7.79 -9.31
N PRO A 163 -12.36 7.48 -8.36
CA PRO A 163 -10.98 8.01 -8.44
C PRO A 163 -10.20 7.53 -9.64
N GLN A 164 -10.56 6.38 -10.22
CA GLN A 164 -9.86 5.91 -11.41
C GLN A 164 -10.05 6.86 -12.60
N GLY A 165 -11.04 7.74 -12.54
CA GLY A 165 -11.26 8.73 -13.57
C GLY A 165 -10.64 10.10 -13.30
N MET A 166 -9.69 10.18 -12.36
CA MET A 166 -8.98 11.42 -12.04
C MET A 166 -7.48 11.24 -12.32
N ASP A 167 -6.76 12.36 -12.36
CA ASP A 167 -5.34 12.36 -12.73
C ASP A 167 -4.45 12.03 -11.54
N THR A 168 -3.39 11.25 -11.77
CA THR A 168 -2.56 10.74 -10.67
C THR A 168 -1.06 10.88 -10.92
N SER A 169 -0.66 11.70 -11.89
CA SER A 169 0.75 12.07 -12.00
C SER A 169 1.19 12.89 -10.81
N ASN A 170 0.24 13.57 -10.15
CA ASN A 170 0.55 14.45 -9.03
C ASN A 170 -0.39 14.10 -7.88
N MET A 171 0.19 13.71 -6.75
CA MET A 171 -0.64 13.23 -5.65
C MET A 171 -1.50 14.34 -5.07
N ASP A 172 -0.96 15.56 -4.98
CA ASP A 172 -1.72 16.66 -4.41
C ASP A 172 -2.86 17.10 -5.32
N VAL A 173 -2.61 17.15 -6.63
CA VAL A 173 -3.66 17.47 -7.59
C VAL A 173 -4.77 16.42 -7.55
N PHE A 174 -4.39 15.15 -7.38
CA PHE A 174 -5.38 14.10 -7.27
C PHE A 174 -6.29 14.32 -6.07
N VAL A 175 -5.70 14.60 -4.91
CA VAL A 175 -6.48 14.79 -3.69
C VAL A 175 -7.44 15.96 -3.86
N GLN A 176 -6.99 17.06 -4.46
CA GLN A 176 -7.91 18.19 -4.54
C GLN A 176 -9.02 17.92 -5.56
N GLN A 177 -8.74 17.17 -6.63
N GLN A 177 -8.75 17.16 -6.63
CA GLN A 177 -9.82 16.78 -7.54
CA GLN A 177 -9.83 16.79 -7.54
C GLN A 177 -10.84 15.90 -6.83
C GLN A 177 -10.83 15.89 -6.84
N TYR A 178 -10.36 14.95 -6.02
CA TYR A 178 -11.25 14.09 -5.26
C TYR A 178 -12.11 14.92 -4.31
N ALA A 179 -11.47 15.78 -3.51
CA ALA A 179 -12.19 16.58 -2.53
C ALA A 179 -13.15 17.54 -3.21
N ASP A 180 -12.67 18.24 -4.25
CA ASP A 180 -13.53 19.13 -5.02
C ASP A 180 -14.71 18.39 -5.63
N THR A 181 -14.51 17.13 -6.01
CA THR A 181 -15.62 16.34 -6.53
C THR A 181 -16.65 16.07 -5.43
N VAL A 182 -16.18 15.66 -4.24
CA VAL A 182 -17.09 15.42 -3.13
C VAL A 182 -17.91 16.67 -2.85
N LYS A 183 -17.26 17.84 -2.85
CA LYS A 183 -17.94 19.12 -2.69
C LYS A 183 -19.03 19.29 -3.75
N TYR A 184 -18.66 19.15 -5.04
CA TYR A 184 -19.64 19.30 -6.11
C TYR A 184 -20.82 18.36 -5.91
N LEU A 185 -20.55 17.10 -5.54
CA LEU A 185 -21.64 16.14 -5.38
C LEU A 185 -22.51 16.50 -4.17
N SER A 186 -21.89 16.96 -3.09
CA SER A 186 -22.67 17.31 -1.91
C SER A 186 -23.60 18.48 -2.20
N GLU A 187 -23.19 19.39 -3.08
CA GLU A 187 -24.01 20.54 -3.45
C GLU A 187 -25.03 20.22 -4.53
N LYS A 188 -25.12 18.96 -4.97
CA LYS A 188 -26.01 18.58 -6.06
C LYS A 188 -27.46 18.51 -5.60
N ALA B 1 10.56 -31.46 5.20
CA ALA B 1 11.69 -31.01 6.00
C ALA B 1 12.31 -29.76 5.36
N GLN B 2 12.22 -28.66 6.09
CA GLN B 2 12.64 -27.34 5.62
C GLN B 2 12.06 -27.04 4.24
N TYR B 3 12.92 -26.98 3.22
CA TYR B 3 12.56 -26.28 1.98
C TYR B 3 11.63 -27.11 1.11
N GLU B 4 10.33 -26.88 1.29
CA GLU B 4 9.27 -27.52 0.50
C GLU B 4 8.84 -26.58 -0.63
N ASP B 5 8.49 -27.16 -1.76
CA ASP B 5 7.82 -26.38 -2.80
C ASP B 5 6.37 -26.15 -2.39
N GLY B 6 5.92 -24.91 -2.50
CA GLY B 6 4.59 -24.52 -2.12
C GLY B 6 4.53 -23.77 -0.80
N LYS B 7 5.55 -23.92 0.03
CA LYS B 7 5.56 -23.31 1.36
C LYS B 7 6.57 -22.17 1.47
N GLN B 8 7.87 -22.45 1.53
CA GLN B 8 8.78 -21.31 1.59
C GLN B 8 9.09 -20.72 0.22
N TYR B 9 8.58 -21.35 -0.84
CA TYR B 9 8.75 -20.85 -2.20
C TYR B 9 7.73 -21.55 -3.08
N THR B 10 7.61 -21.05 -4.32
CA THR B 10 6.80 -21.71 -5.33
C THR B 10 7.64 -21.85 -6.59
N THR B 11 7.08 -22.59 -7.56
CA THR B 11 7.74 -22.84 -8.83
C THR B 11 6.88 -22.27 -9.95
N LEU B 12 7.52 -21.56 -10.87
CA LEU B 12 6.81 -21.00 -12.01
C LEU B 12 6.42 -22.13 -12.97
N GLU B 13 5.12 -22.32 -13.17
CA GLU B 13 4.67 -23.29 -14.15
C GLU B 13 5.17 -22.93 -15.54
N LYS B 14 5.38 -21.65 -15.80
CA LYS B 14 6.04 -21.17 -17.02
C LYS B 14 7.28 -20.39 -16.62
N PRO B 15 8.48 -20.98 -16.71
CA PRO B 15 9.69 -20.28 -16.28
C PRO B 15 10.27 -19.38 -17.37
N VAL B 16 11.00 -18.37 -16.92
CA VAL B 16 11.57 -17.35 -17.79
C VAL B 16 13.02 -17.73 -18.06
N ALA B 17 13.32 -18.05 -19.31
CA ALA B 17 14.70 -18.34 -19.70
C ALA B 17 15.50 -17.05 -19.78
N GLY B 18 16.79 -17.15 -19.42
CA GLY B 18 17.65 -15.98 -19.41
C GLY B 18 17.31 -14.94 -18.35
N ALA B 19 16.59 -15.32 -17.30
CA ALA B 19 16.27 -14.37 -16.25
C ALA B 19 17.49 -14.07 -15.39
N PRO B 20 17.47 -12.95 -14.67
CA PRO B 20 18.50 -12.72 -13.65
C PRO B 20 18.52 -13.85 -12.61
N GLN B 21 19.72 -14.10 -12.06
CA GLN B 21 19.88 -15.14 -11.05
C GLN B 21 19.06 -14.83 -9.81
N VAL B 22 19.22 -13.62 -9.27
CA VAL B 22 18.43 -13.17 -8.13
C VAL B 22 17.79 -11.85 -8.51
N LEU B 23 16.47 -11.83 -8.63
CA LEU B 23 15.71 -10.67 -9.08
C LEU B 23 14.69 -10.29 -8.01
N GLU B 24 14.82 -9.08 -7.48
CA GLU B 24 13.84 -8.48 -6.57
C GLU B 24 13.03 -7.43 -7.31
N PHE B 25 11.70 -7.46 -7.12
CA PHE B 25 10.81 -6.39 -7.56
C PHE B 25 10.31 -5.64 -6.34
N PHE B 26 10.35 -4.30 -6.39
CA PHE B 26 9.83 -3.49 -5.29
C PHE B 26 9.09 -2.28 -5.86
N SER B 27 8.53 -1.48 -4.96
CA SER B 27 7.96 -0.17 -5.29
C SER B 27 8.20 0.78 -4.14
N PHE B 28 8.45 2.05 -4.45
CA PHE B 28 8.61 3.04 -3.39
C PHE B 28 7.31 3.37 -2.66
N PHE B 29 6.16 2.87 -3.14
CA PHE B 29 4.87 3.01 -2.47
C PHE B 29 4.51 1.81 -1.61
N CYS B 30 5.32 0.77 -1.64
CA CYS B 30 4.96 -0.51 -1.05
C CYS B 30 5.48 -0.57 0.38
N PRO B 31 4.60 -0.69 1.39
CA PRO B 31 5.06 -0.55 2.78
C PRO B 31 5.88 -1.75 3.25
N HIS B 32 5.57 -2.95 2.77
CA HIS B 32 6.46 -4.08 3.05
C HIS B 32 7.82 -3.88 2.40
N CYS B 33 7.85 -3.31 1.19
CA CYS B 33 9.13 -3.00 0.55
C CYS B 33 9.93 -2.05 1.43
N TYR B 34 9.28 -1.01 1.94
CA TYR B 34 9.95 -0.10 2.87
C TYR B 34 10.53 -0.90 4.04
N GLN B 35 9.69 -1.76 4.64
CA GLN B 35 10.10 -2.54 5.80
C GLN B 35 11.25 -3.49 5.44
N PHE B 36 11.19 -4.09 4.24
CA PHE B 36 12.26 -4.97 3.74
C PHE B 36 13.60 -4.26 3.60
N GLU B 37 13.58 -3.02 3.11
CA GLU B 37 14.82 -2.32 2.85
C GLU B 37 15.38 -1.67 4.12
N GLU B 38 14.54 -0.91 4.83
CA GLU B 38 14.99 -0.02 5.91
C GLU B 38 15.11 -0.70 7.25
N VAL B 39 14.27 -1.69 7.55
CA VAL B 39 14.25 -2.33 8.86
C VAL B 39 14.84 -3.72 8.81
N LEU B 40 14.33 -4.59 7.93
CA LEU B 40 14.83 -5.96 7.87
C LEU B 40 16.14 -6.10 7.11
N HIS B 41 16.38 -5.25 6.11
CA HIS B 41 17.60 -5.34 5.28
C HIS B 41 17.67 -6.68 4.56
N ILE B 42 16.55 -7.07 3.95
CA ILE B 42 16.45 -8.37 3.30
C ILE B 42 17.53 -8.54 2.25
N SER B 43 17.71 -7.52 1.38
CA SER B 43 18.69 -7.62 0.30
C SER B 43 20.09 -7.89 0.85
N ASP B 44 20.49 -7.12 1.86
CA ASP B 44 21.83 -7.28 2.42
C ASP B 44 22.01 -8.64 3.08
N ASN B 45 20.93 -9.21 3.62
CA ASN B 45 21.08 -10.50 4.29
C ASN B 45 21.07 -11.64 3.28
N VAL B 46 20.32 -11.48 2.19
CA VAL B 46 20.41 -12.42 1.08
C VAL B 46 21.81 -12.38 0.47
N LYS B 47 22.35 -11.18 0.26
CA LYS B 47 23.67 -11.03 -0.36
C LYS B 47 24.76 -11.73 0.45
N LYS B 48 24.72 -11.60 1.78
CA LYS B 48 25.73 -12.21 2.62
C LYS B 48 25.78 -13.73 2.45
N LYS B 49 24.68 -14.36 2.03
CA LYS B 49 24.59 -15.80 2.00
C LYS B 49 24.54 -16.38 0.59
N LEU B 50 24.54 -15.55 -0.46
CA LEU B 50 24.63 -16.09 -1.80
C LEU B 50 26.07 -16.48 -2.14
N PRO B 51 26.25 -17.46 -3.03
CA PRO B 51 27.60 -17.73 -3.53
C PRO B 51 28.26 -16.46 -4.02
N GLU B 52 29.41 -16.10 -3.45
CA GLU B 52 30.04 -14.82 -3.75
C GLU B 52 30.32 -14.70 -5.24
N GLY B 53 29.98 -13.55 -5.80
CA GLY B 53 30.02 -13.32 -7.23
C GLY B 53 28.68 -13.42 -7.91
N VAL B 54 27.68 -14.03 -7.27
CA VAL B 54 26.33 -14.05 -7.83
C VAL B 54 25.76 -12.64 -7.75
N LYS B 55 25.35 -12.11 -8.90
CA LYS B 55 24.85 -10.74 -8.98
C LYS B 55 23.38 -10.69 -8.60
N MET B 56 23.02 -9.73 -7.75
CA MET B 56 21.64 -9.46 -7.39
C MET B 56 21.09 -8.34 -8.26
N THR B 57 19.86 -8.51 -8.72
CA THR B 57 19.17 -7.54 -9.56
C THR B 57 17.93 -7.06 -8.82
N LYS B 58 17.67 -5.75 -8.87
CA LYS B 58 16.51 -5.17 -8.22
C LYS B 58 15.82 -4.22 -9.20
N TYR B 59 14.53 -4.46 -9.44
CA TYR B 59 13.76 -3.68 -10.41
C TYR B 59 12.58 -3.03 -9.71
N HIS B 60 12.19 -1.86 -10.18
CA HIS B 60 11.02 -1.15 -9.69
C HIS B 60 9.81 -1.52 -10.56
N VAL B 61 8.61 -1.40 -9.98
CA VAL B 61 7.39 -1.72 -10.71
C VAL B 61 6.49 -0.50 -10.79
N ASN B 62 5.66 -0.47 -11.86
CA ASN B 62 4.79 0.65 -12.21
C ASN B 62 3.43 0.64 -11.51
N PHE B 63 2.92 -0.53 -11.11
CA PHE B 63 1.50 -0.70 -10.78
C PHE B 63 1.14 -0.23 -9.37
N MET B 64 1.97 0.57 -8.72
CA MET B 64 1.64 1.20 -7.45
C MET B 64 1.82 2.71 -7.56
N GLY B 65 0.88 3.46 -6.99
CA GLY B 65 1.00 4.90 -6.93
C GLY B 65 0.69 5.64 -8.22
N GLY B 66 -0.26 5.15 -9.01
CA GLY B 66 -0.68 5.83 -10.23
C GLY B 66 0.46 6.10 -11.19
N ASP B 67 0.29 7.15 -12.00
CA ASP B 67 1.30 7.52 -12.99
C ASP B 67 2.58 8.02 -12.35
N LEU B 68 2.54 8.47 -11.09
CA LEU B 68 3.79 8.76 -10.40
C LEU B 68 4.60 7.48 -10.19
N GLY B 69 3.92 6.34 -10.04
CA GLY B 69 4.64 5.08 -9.96
C GLY B 69 5.53 4.85 -11.16
N LYS B 70 5.03 5.21 -12.36
CA LYS B 70 5.82 5.02 -13.56
C LYS B 70 7.03 5.94 -13.57
N ASP B 71 6.85 7.18 -13.10
CA ASP B 71 7.97 8.10 -12.99
C ASP B 71 9.05 7.54 -12.07
N LEU B 72 8.63 6.83 -11.03
CA LEU B 72 9.59 6.27 -10.08
C LEU B 72 10.36 5.11 -10.70
N THR B 73 9.71 4.34 -11.57
CA THR B 73 10.43 3.30 -12.31
C THR B 73 11.50 3.92 -13.20
N GLN B 74 11.20 5.06 -13.82
CA GLN B 74 12.18 5.72 -14.68
C GLN B 74 13.31 6.31 -13.83
N ALA B 75 12.98 6.87 -12.67
CA ALA B 75 13.98 7.36 -11.73
C ALA B 75 14.87 6.23 -11.22
N TRP B 76 14.27 5.08 -10.93
CA TRP B 76 15.07 3.92 -10.53
C TRP B 76 16.02 3.49 -11.64
N ALA B 77 15.59 3.61 -12.89
CA ALA B 77 16.48 3.33 -14.00
C ALA B 77 17.64 4.33 -14.05
N VAL B 78 17.36 5.61 -13.74
CA VAL B 78 18.44 6.60 -13.66
C VAL B 78 19.41 6.23 -12.53
N ALA B 79 18.86 5.90 -11.36
CA ALA B 79 19.71 5.50 -10.24
C ALA B 79 20.65 4.35 -10.62
N MET B 80 20.11 3.35 -11.33
CA MET B 80 20.94 2.23 -11.75
C MET B 80 21.97 2.67 -12.79
N ALA B 81 21.56 3.51 -13.73
CA ALA B 81 22.47 4.00 -14.74
C ALA B 81 23.59 4.84 -14.14
N LEU B 82 23.32 5.57 -13.06
CA LEU B 82 24.34 6.42 -12.43
C LEU B 82 25.11 5.69 -11.34
N GLY B 83 24.63 4.53 -10.88
CA GLY B 83 25.25 3.86 -9.75
C GLY B 83 25.03 4.58 -8.44
N VAL B 84 23.84 5.10 -8.21
CA VAL B 84 23.55 5.84 -7.00
C VAL B 84 22.40 5.21 -6.19
N GLU B 85 22.09 3.93 -6.45
CA GLU B 85 21.08 3.24 -5.66
C GLU B 85 21.30 3.44 -4.17
N ASP B 86 22.55 3.30 -3.73
CA ASP B 86 22.85 3.34 -2.30
C ASP B 86 22.77 4.74 -1.73
N LYS B 87 22.58 5.74 -2.59
CA LYS B 87 22.45 7.11 -2.14
C LYS B 87 21.04 7.65 -2.20
N VAL B 88 20.20 7.13 -3.11
CA VAL B 88 18.83 7.63 -3.28
C VAL B 88 17.75 6.72 -2.71
N THR B 89 18.05 5.43 -2.45
CA THR B 89 16.97 4.50 -2.09
C THR B 89 16.24 4.94 -0.84
N VAL B 90 16.98 5.20 0.25
CA VAL B 90 16.36 5.69 1.47
C VAL B 90 15.66 7.03 1.24
N PRO B 91 16.31 8.07 0.67
CA PRO B 91 15.57 9.32 0.40
C PRO B 91 14.28 9.13 -0.40
N LEU B 92 14.26 8.20 -1.36
CA LEU B 92 13.04 8.00 -2.14
C LEU B 92 11.97 7.28 -1.32
N PHE B 93 12.34 6.24 -0.56
CA PHE B 93 11.35 5.61 0.30
C PHE B 93 10.77 6.63 1.26
N GLU B 94 11.66 7.39 1.92
CA GLU B 94 11.22 8.36 2.93
C GLU B 94 10.39 9.47 2.31
N GLY B 95 10.77 9.90 1.11
CA GLY B 95 10.06 10.99 0.47
C GLY B 95 8.67 10.60 0.04
N VAL B 96 8.47 9.37 -0.43
CA VAL B 96 7.13 8.90 -0.78
C VAL B 96 6.32 8.57 0.46
N GLN B 97 6.88 7.78 1.38
CA GLN B 97 6.07 7.20 2.45
C GLN B 97 6.15 7.94 3.78
N LYS B 98 7.27 8.57 4.12
CA LYS B 98 7.46 9.13 5.47
C LYS B 98 7.32 10.66 5.46
N THR B 99 8.28 11.37 4.87
CA THR B 99 8.18 12.83 4.82
C THR B 99 7.12 13.29 3.83
N GLN B 100 6.77 12.46 2.85
CA GLN B 100 5.74 12.78 1.85
C GLN B 100 6.07 14.09 1.13
N THR B 101 7.33 14.21 0.75
CA THR B 101 7.85 15.31 -0.06
C THR B 101 7.97 14.96 -1.52
N ILE B 102 7.72 13.69 -1.88
CA ILE B 102 7.75 13.22 -3.25
C ILE B 102 6.30 13.10 -3.71
N ARG B 103 5.82 14.10 -4.46
CA ARG B 103 4.45 14.12 -4.91
C ARG B 103 4.32 14.12 -6.43
N SER B 104 5.41 14.34 -7.16
CA SER B 104 5.43 14.37 -8.61
C SER B 104 6.87 14.20 -9.08
N ALA B 105 7.05 14.06 -10.40
CA ALA B 105 8.37 13.83 -10.97
C ALA B 105 9.40 14.88 -10.53
N SER B 106 9.00 16.15 -10.43
CA SER B 106 9.98 17.19 -10.11
C SER B 106 10.59 16.99 -8.73
N ASP B 107 9.83 16.41 -7.81
CA ASP B 107 10.35 16.14 -6.47
C ASP B 107 11.36 15.00 -6.49
N ILE B 108 11.17 14.03 -7.39
CA ILE B 108 12.14 12.96 -7.55
C ILE B 108 13.51 13.52 -7.93
N ARG B 109 13.54 14.39 -8.94
CA ARG B 109 14.79 15.02 -9.36
C ARG B 109 15.51 15.67 -8.19
N ASP B 110 14.77 16.38 -7.33
CA ASP B 110 15.42 17.07 -6.23
C ASP B 110 16.14 16.11 -5.31
N VAL B 111 15.58 14.90 -5.12
CA VAL B 111 16.25 13.89 -4.30
C VAL B 111 17.65 13.61 -4.84
N PHE B 112 17.76 13.45 -6.18
CA PHE B 112 19.05 13.20 -6.80
C PHE B 112 19.97 14.41 -6.67
N ILE B 113 19.46 15.59 -6.97
CA ILE B 113 20.25 16.81 -6.84
C ILE B 113 20.74 16.97 -5.40
N ASN B 114 19.89 16.66 -4.43
CA ASN B 114 20.29 16.80 -3.04
C ASN B 114 21.29 15.73 -2.62
N ALA B 115 21.32 14.59 -3.32
CA ALA B 115 22.39 13.63 -3.10
C ALA B 115 23.72 14.07 -3.70
N GLY B 116 23.77 15.19 -4.40
CA GLY B 116 25.00 15.65 -5.03
C GLY B 116 25.11 15.40 -6.52
N ILE B 117 24.07 14.88 -7.17
CA ILE B 117 24.09 14.64 -8.61
C ILE B 117 23.71 15.94 -9.34
N LYS B 118 24.50 16.31 -10.36
CA LYS B 118 24.18 17.51 -11.12
C LYS B 118 22.83 17.37 -11.83
N GLY B 119 22.03 18.43 -11.77
CA GLY B 119 20.72 18.40 -12.41
C GLY B 119 20.81 18.07 -13.89
N GLU B 120 21.74 18.72 -14.61
CA GLU B 120 21.95 18.46 -16.03
C GLU B 120 22.29 17.00 -16.31
N GLU B 121 23.03 16.35 -15.41
CA GLU B 121 23.40 14.95 -15.61
C GLU B 121 22.22 14.03 -15.33
N TYR B 122 21.45 14.34 -14.30
CA TYR B 122 20.19 13.63 -14.07
C TYR B 122 19.29 13.71 -15.29
N ASP B 123 19.11 14.91 -15.84
CA ASP B 123 18.26 15.07 -17.02
C ASP B 123 18.81 14.29 -18.21
N ALA B 124 20.10 14.45 -18.50
CA ALA B 124 20.69 13.69 -19.59
C ALA B 124 20.46 12.20 -19.39
N ALA B 125 20.68 11.70 -18.17
CA ALA B 125 20.39 10.31 -17.87
C ALA B 125 18.92 10.00 -18.11
N TRP B 126 18.02 10.79 -17.51
CA TRP B 126 16.59 10.58 -17.63
C TRP B 126 16.19 10.36 -19.08
N ASN B 127 16.70 11.20 -19.98
CA ASN B 127 16.35 11.16 -21.39
C ASN B 127 17.29 10.29 -22.20
N SER B 128 18.10 9.44 -21.58
CA SER B 128 19.14 8.73 -22.28
C SER B 128 18.65 7.40 -22.83
N PHE B 129 19.42 6.86 -23.78
CA PHE B 129 19.14 5.53 -24.33
C PHE B 129 19.30 4.44 -23.28
N VAL B 130 20.36 4.51 -22.47
CA VAL B 130 20.57 3.50 -21.44
C VAL B 130 19.36 3.42 -20.52
N VAL B 131 18.77 4.56 -20.17
CA VAL B 131 17.63 4.56 -19.25
C VAL B 131 16.36 4.06 -19.94
N LYS B 132 16.15 4.42 -21.22
CA LYS B 132 14.97 3.94 -21.92
C LYS B 132 14.98 2.43 -22.04
N SER B 133 16.17 1.84 -22.24
CA SER B 133 16.30 0.39 -22.28
C SER B 133 16.05 -0.22 -20.91
N LEU B 134 16.61 0.41 -19.86
CA LEU B 134 16.41 -0.10 -18.50
C LEU B 134 14.93 -0.11 -18.12
N VAL B 135 14.18 0.92 -18.52
CA VAL B 135 12.75 0.97 -18.20
C VAL B 135 12.00 -0.14 -18.92
N ALA B 136 12.28 -0.36 -20.21
CA ALA B 136 11.67 -1.49 -20.91
C ALA B 136 12.04 -2.82 -20.26
N GLN B 137 13.27 -2.92 -19.75
CA GLN B 137 13.72 -4.14 -19.08
C GLN B 137 12.92 -4.39 -17.81
N GLN B 138 12.74 -3.35 -16.99
CA GLN B 138 11.98 -3.50 -15.75
C GLN B 138 10.55 -3.93 -16.03
N GLU B 139 9.96 -3.44 -17.13
CA GLU B 139 8.60 -3.82 -17.47
C GLU B 139 8.55 -5.24 -18.03
N LYS B 140 9.46 -5.55 -18.97
CA LYS B 140 9.51 -6.89 -19.55
C LYS B 140 9.70 -7.96 -18.47
N ALA B 141 10.59 -7.70 -17.51
CA ALA B 141 10.83 -8.68 -16.45
C ALA B 141 9.56 -8.90 -15.62
N ALA B 142 8.84 -7.81 -15.30
CA ALA B 142 7.59 -7.92 -14.58
C ALA B 142 6.56 -8.75 -15.35
N ALA B 143 6.28 -8.35 -16.60
CA ALA B 143 5.30 -9.09 -17.39
C ALA B 143 5.69 -10.55 -17.55
N ASP B 144 6.98 -10.83 -17.60
CA ASP B 144 7.44 -12.19 -17.89
C ASP B 144 7.05 -13.16 -16.78
N VAL B 145 6.94 -12.69 -15.55
CA VAL B 145 6.46 -13.53 -14.45
C VAL B 145 5.03 -13.18 -14.07
N GLN B 146 4.32 -12.42 -14.90
CA GLN B 146 2.97 -11.94 -14.60
C GLN B 146 2.88 -11.48 -13.15
N LEU B 147 3.80 -10.58 -12.80
CA LEU B 147 3.91 -10.12 -11.42
C LEU B 147 2.63 -9.42 -10.98
N ARG B 148 2.11 -9.83 -9.83
CA ARG B 148 0.87 -9.26 -9.32
C ARG B 148 1.08 -8.36 -8.09
N GLY B 149 2.26 -8.39 -7.49
CA GLY B 149 2.51 -7.51 -6.37
C GLY B 149 3.94 -7.60 -5.88
N VAL B 150 4.30 -6.65 -5.02
CA VAL B 150 5.62 -6.55 -4.43
C VAL B 150 5.46 -6.47 -2.91
N PRO B 151 6.48 -6.87 -2.15
CA PRO B 151 7.79 -7.41 -2.57
C PRO B 151 7.67 -8.79 -3.17
N ALA B 152 8.62 -9.10 -4.04
CA ALA B 152 8.67 -10.40 -4.69
C ALA B 152 10.10 -10.67 -5.12
N MET B 153 10.58 -11.88 -4.88
CA MET B 153 11.90 -12.25 -5.33
C MET B 153 11.83 -13.50 -6.19
N PHE B 154 12.67 -13.53 -7.23
CA PHE B 154 12.74 -14.65 -8.15
C PHE B 154 14.20 -15.09 -8.23
N VAL B 155 14.41 -16.40 -8.18
CA VAL B 155 15.73 -17.01 -8.29
C VAL B 155 15.82 -17.71 -9.63
N ASN B 156 16.72 -17.23 -10.49
CA ASN B 156 16.95 -17.81 -11.82
C ASN B 156 15.68 -17.87 -12.65
N GLY B 157 14.70 -17.04 -12.29
CA GLY B 157 13.42 -17.04 -12.98
C GLY B 157 12.68 -18.35 -12.94
N LYS B 158 13.05 -19.24 -12.03
CA LYS B 158 12.39 -20.54 -11.92
C LYS B 158 11.60 -20.70 -10.64
N TYR B 159 12.00 -19.99 -9.58
CA TYR B 159 11.40 -20.12 -8.27
C TYR B 159 11.04 -18.74 -7.73
N GLN B 160 9.99 -18.69 -6.94
CA GLN B 160 9.49 -17.44 -6.38
C GLN B 160 9.42 -17.59 -4.86
N LEU B 161 10.15 -16.72 -4.15
CA LEU B 161 10.13 -16.76 -2.70
C LEU B 161 8.73 -16.57 -2.17
N ASN B 162 8.39 -17.30 -1.09
CA ASN B 162 7.08 -17.22 -0.48
C ASN B 162 7.23 -16.89 1.00
N PRO B 163 7.40 -15.61 1.35
CA PRO B 163 7.60 -15.25 2.76
C PRO B 163 6.41 -15.57 3.65
N GLN B 164 5.21 -15.63 3.08
CA GLN B 164 4.03 -15.99 3.88
C GLN B 164 4.19 -17.36 4.51
N GLY B 165 5.05 -18.21 3.94
CA GLY B 165 5.18 -19.58 4.39
C GLY B 165 6.38 -19.82 5.27
N MET B 166 6.97 -18.75 5.78
CA MET B 166 8.08 -18.81 6.73
C MET B 166 7.57 -18.40 8.10
N ASP B 167 8.43 -18.51 9.11
CA ASP B 167 8.14 -17.93 10.42
C ASP B 167 8.27 -16.42 10.34
N THR B 168 7.17 -15.71 10.59
CA THR B 168 7.14 -14.26 10.44
C THR B 168 6.97 -13.54 11.77
N SER B 169 7.01 -14.26 12.89
CA SER B 169 6.96 -13.63 14.21
C SER B 169 8.30 -13.00 14.58
N ASN B 170 9.34 -13.82 14.74
CA ASN B 170 10.68 -13.32 15.06
C ASN B 170 11.29 -12.73 13.80
N MET B 171 11.51 -11.42 13.80
CA MET B 171 12.11 -10.76 12.65
C MET B 171 13.48 -11.34 12.34
N ASP B 172 14.32 -11.54 13.37
CA ASP B 172 15.69 -11.99 13.11
C ASP B 172 15.69 -13.39 12.51
N VAL B 173 14.80 -14.26 12.97
CA VAL B 173 14.74 -15.62 12.44
C VAL B 173 14.15 -15.60 11.04
N PHE B 174 13.05 -14.85 10.84
CA PHE B 174 12.47 -14.66 9.52
C PHE B 174 13.51 -14.22 8.48
N VAL B 175 14.31 -13.21 8.81
CA VAL B 175 15.28 -12.70 7.84
C VAL B 175 16.25 -13.79 7.43
N GLN B 176 16.87 -14.45 8.40
CA GLN B 176 17.79 -15.54 8.07
C GLN B 176 17.10 -16.66 7.31
N GLN B 177 15.85 -16.97 7.66
CA GLN B 177 15.15 -18.03 6.93
C GLN B 177 14.92 -17.61 5.48
N TYR B 178 14.54 -16.36 5.26
CA TYR B 178 14.38 -15.83 3.90
C TYR B 178 15.69 -15.91 3.13
N ALA B 179 16.77 -15.43 3.74
CA ALA B 179 18.07 -15.46 3.09
C ALA B 179 18.48 -16.89 2.77
N ASP B 180 18.30 -17.81 3.74
CA ASP B 180 18.70 -19.20 3.57
C ASP B 180 17.89 -19.88 2.46
N THR B 181 16.60 -19.55 2.35
CA THR B 181 15.78 -20.08 1.25
C THR B 181 16.33 -19.65 -0.10
N VAL B 182 16.68 -18.37 -0.24
CA VAL B 182 17.27 -17.87 -1.48
C VAL B 182 18.52 -18.68 -1.82
N LYS B 183 19.42 -18.83 -0.84
CA LYS B 183 20.67 -19.55 -1.08
C LYS B 183 20.40 -20.98 -1.51
N TYR B 184 19.42 -21.63 -0.86
CA TYR B 184 19.07 -23.01 -1.23
C TYR B 184 18.57 -23.07 -2.66
N LEU B 185 17.64 -22.18 -3.03
CA LEU B 185 17.07 -22.21 -4.38
C LEU B 185 18.12 -21.88 -5.43
N SER B 186 19.01 -20.92 -5.13
CA SER B 186 20.10 -20.58 -6.04
C SER B 186 20.96 -21.80 -6.38
N GLU B 187 21.12 -22.72 -5.44
CA GLU B 187 21.94 -23.91 -5.64
C GLU B 187 21.17 -25.07 -6.23
N LYS B 188 19.89 -24.89 -6.58
CA LYS B 188 19.11 -25.97 -7.17
C LYS B 188 19.53 -26.24 -8.61
O27 OMJ C . -9.64 -4.41 -6.66
C25 OMJ C . -10.25 -2.30 -5.59
C12 OMJ C . -7.06 4.04 -8.07
C13 OMJ C . -7.88 2.93 -7.90
C14 OMJ C . -8.76 2.83 -6.84
C18 OMJ C . -9.44 0.21 -5.86
C21 OMJ C . -11.19 -0.73 -7.30
C22 OMJ C . -12.63 -1.19 -6.95
C01 OMJ C . -2.35 9.00 -6.11
C02 OMJ C . -3.14 7.71 -5.91
C03 OMJ C . -4.33 7.54 -6.64
C04 OMJ C . -5.15 6.38 -6.55
C05 OMJ C . -4.70 5.38 -5.66
C06 OMJ C . -3.52 5.56 -4.93
C07 OMJ C . -2.69 6.70 -5.02
C08 OMJ C . -1.48 6.88 -4.25
C11 OMJ C . -7.10 5.10 -7.16
C15 OMJ C . -8.80 3.89 -5.92
C16 OMJ C . -7.98 5.00 -6.07
C17 OMJ C . -9.60 1.63 -6.67
C24 OMJ C . -11.72 -2.84 -5.60
C26 OMJ C . -9.19 -3.34 -6.21
N09 OMJ C . -0.49 7.02 -3.65
N20 OMJ C . -10.22 -0.91 -6.21
O10 OMJ C . -6.32 6.25 -7.29
O19 OMJ C . -8.59 0.21 -4.96
O23 OMJ C . -12.65 -1.77 -5.67
O28 OMJ C . -7.97 -3.02 -6.18
CU CU D . 13.33 -32.05 3.72
CU CU E . 10.11 -31.99 7.48
O27 OAJ F . 3.51 -12.17 -1.55
C25 OAJ F . 2.88 -9.94 -2.29
C12 OAJ F . 6.53 -10.41 3.36
C13 OAJ F . 5.86 -10.13 2.17
C14 OAJ F . 4.51 -10.43 2.03
C18 OAJ F . 2.94 -8.86 0.15
C21 OAJ F . 1.75 -7.73 -1.63
C22 OAJ F . 1.39 -7.61 -3.12
C01 OAJ F . 8.94 -10.01 9.79
C02 OAJ F . 8.16 -9.57 8.55
C03 OAJ F . 7.69 -10.55 7.67
C04 OAJ F . 6.95 -10.27 6.48
C05 OAJ F . 6.69 -8.89 6.22
C06 OAJ F . 7.16 -7.90 7.11
C07 OAJ F . 7.90 -8.19 8.29
C08 OAJ F . 8.39 -7.20 9.21
C11 OAJ F . 5.87 -10.98 4.45
C15 OAJ F . 3.82 -11.03 3.12
C16 OAJ F . 4.50 -11.30 4.32
C17 OAJ F . 3.84 -10.10 0.76
C24 OAJ F . 2.31 -9.62 -3.69
C26 OAJ F . 2.54 -11.45 -1.87
N09 OAJ F . 8.78 -6.39 9.96
N20 OAJ F . 2.57 -8.89 -1.20
O10 OAJ F . 6.51 -11.29 5.63
O19 OAJ F . 2.64 -7.96 0.94
O23 OAJ F . 1.12 -8.88 -3.64
O28 OAJ F . 1.34 -11.81 -1.91
#